data_4Q1E
#
_entry.id   4Q1E
#
_cell.length_a   68.736
_cell.length_b   68.736
_cell.length_c   122.206
_cell.angle_alpha   90.00
_cell.angle_beta   90.00
_cell.angle_gamma   90.00
#
_symmetry.space_group_name_H-M   'P 41'
#
loop_
_entity.id
_entity.type
_entity.pdbx_description
1 polymer 'Deoxycytidine kinase'
2 non-polymer (R)-2-((1-(2-(3-(2-fluoroethoxy)-4-methoxyphenyl)-5-methylthiazol-4-yl)ethyl)thio)pyrimidine-4,6-diamine
3 non-polymer (S)-2-((1-(2-(3-(2-fluoroethoxy)-4-methoxyphenyl)-5-methylthiazol-4-yl)ethyl)thio)pyrimidine-4,6-diamine
4 non-polymer "URIDINE-5'-DIPHOSPHATE"
5 water water
#
_entity_poly.entity_id   1
_entity_poly.type   'polypeptide(L)'
_entity_poly.pdbx_seq_one_letter_code
;MGSSHHHHHHSSGLVPRGSHMATPPKRSSPSFSASSEGTRIKKISIEGNIAAGKSTFVNILKQLSEDWEVVPEPVARWSN
VQSTQDEFEELTMEQKNGGNVLQMMYEKPERWSFTFQTYACLSRIRAQLASLNGKLKDAEKPVLFFERSVYSDRYIFASN
LYESESMNETEWTIYQDWHDWMNNQFGQSLELDGIIYLQATPETCLHRIYLRGRNEEQGIPLEYLEKLHYKHESWLLHRT
LKTNFDYLQEVPILTLDVNEDFKDKYESLVEKVKEFLSTL
;
_entity_poly.pdbx_strand_id   A,B
#
loop_
_chem_comp.id
_chem_comp.type
_chem_comp.name
_chem_comp.formula
2Y7 non-polymer (S)-2-((1-(2-(3-(2-fluoroethoxy)-4-methoxyphenyl)-5-methylthiazol-4-yl)ethyl)thio)pyrimidine-4,6-diamine 'C19 H22 F N5 O2 S2'
2Y8 non-polymer (R)-2-((1-(2-(3-(2-fluoroethoxy)-4-methoxyphenyl)-5-methylthiazol-4-yl)ethyl)thio)pyrimidine-4,6-diamine 'C19 H22 F N5 O2 S2'
UDP RNA linking URIDINE-5'-DIPHOSPHATE 'C9 H14 N2 O12 P2'
#
# COMPACT_ATOMS: atom_id res chain seq x y z
N ARG A 40 -19.08 17.96 -3.56
CA ARG A 40 -19.27 19.33 -4.13
C ARG A 40 -18.05 20.27 -4.01
N ILE A 41 -16.92 19.79 -3.50
CA ILE A 41 -15.66 20.52 -3.57
C ILE A 41 -15.01 20.20 -4.91
N LYS A 42 -14.73 21.23 -5.69
CA LYS A 42 -13.95 21.08 -6.90
C LYS A 42 -12.48 20.78 -6.53
N LYS A 43 -11.88 19.85 -7.26
CA LYS A 43 -10.53 19.32 -6.93
C LYS A 43 -9.55 19.67 -8.07
N ILE A 44 -8.57 20.50 -7.76
CA ILE A 44 -7.62 20.92 -8.77
C ILE A 44 -6.18 20.66 -8.35
N SER A 45 -5.45 19.95 -9.21
CA SER A 45 -4.06 19.67 -9.00
CA SER A 45 -4.05 19.69 -8.96
C SER A 45 -3.19 20.74 -9.64
N ILE A 46 -2.22 21.24 -8.90
CA ILE A 46 -1.21 22.10 -9.45
C ILE A 46 0.04 21.22 -9.69
N GLU A 47 0.49 21.17 -10.92
CA GLU A 47 1.53 20.25 -11.38
C GLU A 47 2.65 21.04 -12.02
N GLY A 48 3.89 20.57 -11.82
CA GLY A 48 5.05 21.36 -12.09
C GLY A 48 6.37 20.78 -11.62
N ASN A 49 7.38 20.97 -12.46
CA ASN A 49 8.70 20.50 -12.16
C ASN A 49 9.19 21.07 -10.83
N ILE A 50 10.17 20.39 -10.26
CA ILE A 50 10.92 20.87 -9.14
C ILE A 50 11.16 22.41 -9.24
N ALA A 51 10.81 23.17 -8.19
CA ALA A 51 10.93 24.66 -8.14
C ALA A 51 10.35 25.47 -9.32
N ALA A 52 9.34 24.94 -10.01
CA ALA A 52 8.62 25.76 -11.01
C ALA A 52 7.91 26.96 -10.34
N GLY A 53 7.56 26.82 -9.08
CA GLY A 53 6.84 27.86 -8.35
C GLY A 53 5.47 27.45 -7.85
N LYS A 54 5.27 26.16 -7.58
CA LYS A 54 3.97 25.64 -7.12
C LYS A 54 3.59 26.06 -5.72
N SER A 55 4.54 25.98 -4.77
CA SER A 55 4.30 26.40 -3.38
C SER A 55 3.92 27.88 -3.37
N THR A 56 4.72 28.67 -4.09
CA THR A 56 4.52 30.10 -4.22
C THR A 56 3.06 30.32 -4.67
N PHE A 57 2.67 29.61 -5.72
CA PHE A 57 1.34 29.83 -6.29
C PHE A 57 0.19 29.45 -5.36
N VAL A 58 0.27 28.26 -4.77
CA VAL A 58 -0.82 27.74 -3.98
C VAL A 58 -1.10 28.65 -2.81
N ASN A 59 -0.01 29.13 -2.17
CA ASN A 59 -0.07 30.05 -1.02
C ASN A 59 -0.69 31.40 -1.40
N ILE A 60 -0.38 31.86 -2.62
CA ILE A 60 -1.04 33.02 -3.22
C ILE A 60 -2.53 32.72 -3.41
N LEU A 61 -2.83 31.60 -4.03
CA LEU A 61 -4.23 31.23 -4.27
C LEU A 61 -5.05 31.04 -2.97
N LYS A 62 -4.43 30.48 -1.94
CA LYS A 62 -5.11 30.28 -0.65
C LYS A 62 -5.63 31.60 -0.02
N GLN A 63 -4.97 32.72 -0.31
CA GLN A 63 -5.32 34.01 0.30
C GLN A 63 -6.47 34.78 -0.38
N LEU A 64 -6.79 34.39 -1.59
CA LEU A 64 -7.75 35.10 -2.46
C LEU A 64 -9.22 34.78 -2.26
N SER A 65 -9.51 33.74 -1.49
CA SER A 65 -10.90 33.42 -1.18
C SER A 65 -10.96 32.48 -0.01
N GLU A 66 -11.74 32.86 0.99
CA GLU A 66 -12.15 31.92 2.04
C GLU A 66 -12.72 30.63 1.47
N ASP A 67 -13.08 30.58 0.18
CA ASP A 67 -13.48 29.32 -0.42
C ASP A 67 -12.28 28.55 -1.03
N TRP A 68 -11.07 29.08 -0.94
CA TRP A 68 -9.95 28.44 -1.58
C TRP A 68 -9.01 27.90 -0.51
N GLU A 69 -8.71 26.60 -0.61
CA GLU A 69 -7.79 25.96 0.29
C GLU A 69 -6.88 25.01 -0.47
N VAL A 70 -5.73 24.74 0.13
CA VAL A 70 -4.68 23.96 -0.48
C VAL A 70 -4.21 22.75 0.32
N VAL A 71 -3.88 21.67 -0.40
CA VAL A 71 -3.26 20.48 0.21
C VAL A 71 -1.80 20.39 -0.24
N PRO A 72 -0.87 20.86 0.60
CA PRO A 72 0.52 20.72 0.24
C PRO A 72 0.94 19.24 0.13
N GLU A 73 2.01 18.98 -0.57
CA GLU A 73 2.32 17.59 -0.84
C GLU A 73 3.19 17.06 0.29
N PRO A 74 2.95 15.82 0.71
CA PRO A 74 3.78 15.13 1.70
C PRO A 74 5.31 15.34 1.53
N VAL A 75 5.89 15.12 0.35
CA VAL A 75 7.36 15.19 0.25
C VAL A 75 7.90 16.61 0.52
N ALA A 76 7.15 17.63 0.09
CA ALA A 76 7.46 19.03 0.41
C ALA A 76 7.49 19.24 1.92
N ARG A 77 6.53 18.66 2.64
CA ARG A 77 6.58 18.71 4.10
C ARG A 77 7.91 18.13 4.58
N TRP A 78 8.24 16.92 4.12
CA TRP A 78 9.41 16.20 4.64
C TRP A 78 10.70 16.95 4.41
N SER A 79 10.71 17.79 3.38
CA SER A 79 11.93 18.50 2.96
C SER A 79 12.30 19.73 3.80
N ASN A 80 11.79 19.84 5.04
CA ASN A 80 12.25 20.86 6.00
C ASN A 80 11.89 20.59 7.45
N LEU A 91 8.26 15.56 16.21
CA LEU A 91 7.50 15.44 14.98
C LEU A 91 6.82 14.08 14.87
N THR A 92 5.85 13.99 13.97
CA THR A 92 4.98 12.84 13.84
C THR A 92 5.71 11.65 13.25
N MET A 93 5.13 10.47 13.45
CA MET A 93 5.67 9.24 12.91
C MET A 93 5.82 9.42 11.40
N GLU A 94 4.85 10.10 10.78
CA GLU A 94 4.90 10.36 9.33
C GLU A 94 6.09 11.25 8.96
N GLN A 95 6.34 12.33 9.71
CA GLN A 95 7.52 13.21 9.46
C GLN A 95 8.87 12.51 9.63
N LYS A 96 9.00 11.79 10.74
CA LYS A 96 10.24 11.03 11.01
C LYS A 96 10.47 9.96 9.95
N ASN A 97 9.44 9.18 9.63
CA ASN A 97 9.55 8.15 8.60
C ASN A 97 9.95 8.79 7.27
N GLY A 98 9.34 9.94 7.03
CA GLY A 98 9.48 10.71 5.79
C GLY A 98 10.89 11.25 5.64
N GLY A 99 11.35 11.95 6.68
CA GLY A 99 12.72 12.50 6.70
C GLY A 99 13.75 11.41 6.48
N ASN A 100 13.61 10.31 7.20
CA ASN A 100 14.47 9.12 6.98
C ASN A 100 14.43 8.54 5.55
N VAL A 101 13.24 8.20 5.08
CA VAL A 101 13.12 7.65 3.75
C VAL A 101 13.61 8.65 2.65
N LEU A 102 13.44 9.95 2.88
CA LEU A 102 13.90 10.97 1.92
C LEU A 102 15.44 11.02 1.83
N GLN A 103 16.09 10.91 2.98
CA GLN A 103 17.56 10.90 3.08
C GLN A 103 18.19 9.66 2.42
N MET A 104 17.61 8.50 2.71
CA MET A 104 18.07 7.25 2.11
C MET A 104 17.80 7.18 0.63
N MET A 105 16.68 7.77 0.20
CA MET A 105 16.35 7.88 -1.19
C MET A 105 17.51 8.54 -1.95
N TYR A 106 17.79 9.77 -1.55
CA TYR A 106 18.92 10.56 -2.08
C TYR A 106 20.26 9.81 -2.08
N GLU A 107 20.56 9.10 -1.00
CA GLU A 107 21.85 8.40 -0.86
C GLU A 107 21.94 7.20 -1.80
N LYS A 108 20.86 6.43 -1.89
CA LYS A 108 20.88 5.18 -2.60
C LYS A 108 19.52 4.92 -3.24
N PRO A 109 19.26 5.58 -4.38
CA PRO A 109 17.92 5.48 -4.97
C PRO A 109 17.55 4.09 -5.48
N GLU A 110 18.52 3.28 -5.86
CA GLU A 110 18.24 1.93 -6.35
C GLU A 110 17.83 0.97 -5.23
N ARG A 111 18.01 1.38 -3.98
CA ARG A 111 17.58 0.62 -2.81
C ARG A 111 16.24 1.09 -2.25
N TRP A 112 15.99 2.38 -2.35
CA TRP A 112 14.89 2.97 -1.59
C TRP A 112 13.74 3.60 -2.37
N SER A 113 13.84 3.63 -3.70
CA SER A 113 12.83 4.22 -4.59
C SER A 113 11.42 3.58 -4.39
N PHE A 114 11.36 2.25 -4.40
CA PHE A 114 10.07 1.57 -4.28
C PHE A 114 9.38 1.93 -2.95
N THR A 115 10.16 1.87 -1.88
CA THR A 115 9.66 2.18 -0.55
C THR A 115 9.25 3.65 -0.47
N PHE A 116 10.10 4.53 -0.99
CA PHE A 116 9.85 5.97 -0.90
C PHE A 116 8.55 6.28 -1.61
N GLN A 117 8.47 5.83 -2.86
CA GLN A 117 7.31 6.05 -3.71
C GLN A 117 6.02 5.53 -3.11
N THR A 118 6.03 4.33 -2.54
CA THR A 118 4.79 3.80 -1.92
C THR A 118 4.39 4.67 -0.73
N TYR A 119 5.34 5.03 0.12
CA TYR A 119 5.03 5.88 1.29
C TYR A 119 4.61 7.32 0.91
N ALA A 120 5.26 7.87 -0.10
CA ALA A 120 4.88 9.20 -0.65
C ALA A 120 3.42 9.28 -1.08
N CYS A 121 3.00 8.28 -1.82
CA CYS A 121 1.66 8.21 -2.40
C CYS A 121 0.59 7.85 -1.35
N LEU A 122 0.89 6.89 -0.47
CA LEU A 122 0.04 6.62 0.70
C LEU A 122 -0.26 7.89 1.43
N SER A 123 0.82 8.62 1.72
CA SER A 123 0.77 9.84 2.48
C SER A 123 -0.07 10.90 1.78
N ARG A 124 0.09 11.02 0.48
CA ARG A 124 -0.68 12.00 -0.29
C ARG A 124 -2.16 11.68 -0.26
N ILE A 125 -2.48 10.40 -0.39
CA ILE A 125 -3.85 9.95 -0.42
C ILE A 125 -4.54 10.34 0.90
N ARG A 126 -3.86 10.12 2.03
CA ARG A 126 -4.39 10.47 3.34
C ARG A 126 -4.65 11.95 3.48
N ALA A 127 -3.63 12.75 3.19
CA ALA A 127 -3.77 14.21 3.22
C ALA A 127 -4.97 14.76 2.44
N GLN A 128 -5.14 14.28 1.21
CA GLN A 128 -6.20 14.77 0.32
C GLN A 128 -7.57 14.25 0.80
N LEU A 129 -7.58 13.09 1.44
CA LEU A 129 -8.76 12.68 2.21
C LEU A 129 -9.01 13.61 3.39
N ALA A 130 -8.03 13.79 4.28
CA ALA A 130 -8.18 14.66 5.44
C ALA A 130 -8.62 16.09 5.08
N SER A 131 -8.16 16.60 3.94
CA SER A 131 -8.50 17.96 3.53
CA SER A 131 -8.50 17.95 3.52
C SER A 131 -9.94 18.06 3.01
N LEU A 132 -10.43 17.02 2.37
CA LEU A 132 -11.81 17.01 1.91
C LEU A 132 -12.76 16.97 3.12
N ASN A 133 -12.41 16.14 4.09
CA ASN A 133 -13.19 16.05 5.31
C ASN A 133 -13.17 17.33 6.14
N GLY A 134 -11.99 17.92 6.33
CA GLY A 134 -11.78 18.97 7.34
C GLY A 134 -11.71 20.42 6.90
N LYS A 135 -11.88 20.69 5.62
CA LYS A 135 -11.76 22.05 5.11
C LYS A 135 -13.04 22.48 4.41
N LEU A 136 -13.18 23.80 4.22
CA LEU A 136 -14.22 24.37 3.35
C LEU A 136 -15.58 23.71 3.58
N LYS A 137 -15.98 23.62 4.84
CA LYS A 137 -17.25 23.00 5.19
C LYS A 137 -18.39 23.99 4.92
N ASP A 138 -18.13 25.24 5.29
CA ASP A 138 -19.10 26.33 5.13
C ASP A 138 -18.82 27.20 3.90
N ALA A 139 -18.32 26.60 2.82
CA ALA A 139 -17.98 27.34 1.59
C ALA A 139 -19.08 27.23 0.54
N GLU A 140 -19.34 28.33 -0.16
CA GLU A 140 -20.36 28.38 -1.23
C GLU A 140 -19.82 27.78 -2.52
N LYS A 141 -18.56 28.13 -2.84
CA LYS A 141 -17.89 27.71 -4.06
C LYS A 141 -16.54 27.05 -3.71
N PRO A 142 -16.56 25.93 -2.97
CA PRO A 142 -15.32 25.37 -2.45
C PRO A 142 -14.39 24.80 -3.56
N VAL A 143 -13.11 25.14 -3.46
CA VAL A 143 -12.08 24.60 -4.35
C VAL A 143 -10.86 24.22 -3.52
N LEU A 144 -10.42 22.97 -3.68
CA LEU A 144 -9.22 22.51 -3.04
C LEU A 144 -8.12 22.43 -4.10
N PHE A 145 -7.01 23.12 -3.88
CA PHE A 145 -5.88 23.01 -4.81
C PHE A 145 -4.93 22.01 -4.21
N PHE A 146 -4.68 20.92 -4.92
CA PHE A 146 -3.70 19.92 -4.44
C PHE A 146 -2.35 20.21 -5.03
N GLU A 147 -1.32 20.24 -4.20
CA GLU A 147 0.03 20.37 -4.73
C GLU A 147 0.47 19.00 -5.21
N ARG A 148 0.54 18.85 -6.53
CA ARG A 148 0.73 17.57 -7.22
C ARG A 148 -0.40 16.57 -6.85
N SER A 149 -0.36 15.41 -7.48
CA SER A 149 -1.43 14.44 -7.44
C SER A 149 -0.84 13.02 -7.40
N VAL A 150 -1.71 12.03 -7.21
CA VAL A 150 -1.28 10.63 -7.28
C VAL A 150 -0.88 10.31 -8.70
N TYR A 151 -1.27 11.14 -9.68
CA TYR A 151 -0.82 10.92 -11.05
C TYR A 151 0.63 11.36 -11.32
N SER A 152 1.09 12.47 -10.75
CA SER A 152 2.53 12.85 -10.88
C SER A 152 3.36 11.84 -10.09
N ASP A 153 2.82 11.31 -8.97
CA ASP A 153 3.50 10.28 -8.20
C ASP A 153 3.97 9.11 -9.06
N ARG A 154 3.07 8.60 -9.89
CA ARG A 154 3.34 7.41 -10.70
C ARG A 154 3.99 7.72 -12.06
N TYR A 155 3.40 8.67 -12.77
CA TYR A 155 3.70 8.89 -14.18
C TYR A 155 4.82 9.91 -14.41
N ILE A 156 5.18 10.66 -13.39
CA ILE A 156 6.39 11.47 -13.48
C ILE A 156 7.49 10.80 -12.68
N PHE A 157 7.32 10.74 -11.36
CA PHE A 157 8.39 10.33 -10.46
C PHE A 157 8.73 8.82 -10.50
N ALA A 158 7.80 7.97 -10.07
CA ALA A 158 7.98 6.51 -10.10
C ALA A 158 8.42 6.00 -11.46
N SER A 159 7.79 6.46 -12.53
CA SER A 159 8.18 6.10 -13.91
C SER A 159 9.61 6.54 -14.20
N ASN A 160 9.97 7.78 -13.82
CA ASN A 160 11.33 8.26 -14.06
C ASN A 160 12.36 7.41 -13.35
N LEU A 161 12.10 7.05 -12.09
CA LEU A 161 12.93 6.13 -11.29
C LEU A 161 12.99 4.70 -11.85
N TYR A 162 11.93 4.21 -12.47
CA TYR A 162 12.02 2.96 -13.23
C TYR A 162 12.91 3.14 -14.45
N GLU A 163 12.73 4.28 -15.13
CA GLU A 163 13.45 4.53 -16.37
C GLU A 163 14.94 4.75 -16.12
N SER A 164 15.29 5.20 -14.92
CA SER A 164 16.69 5.44 -14.58
CA SER A 164 16.69 5.45 -14.55
C SER A 164 17.29 4.27 -13.79
N GLU A 165 16.62 3.12 -13.83
CA GLU A 165 17.08 1.88 -13.18
C GLU A 165 17.23 1.96 -11.68
N SER A 166 16.37 2.76 -11.07
CA SER A 166 16.31 2.88 -9.63
C SER A 166 15.17 1.98 -9.09
N MET A 167 14.25 1.54 -9.94
CA MET A 167 13.38 0.38 -9.66
C MET A 167 13.55 -0.69 -10.73
N ASN A 168 13.59 -1.97 -10.36
CA ASN A 168 13.62 -3.05 -11.37
C ASN A 168 12.20 -3.27 -11.89
N GLU A 169 12.00 -4.25 -12.78
CA GLU A 169 10.67 -4.50 -13.35
C GLU A 169 9.67 -4.93 -12.28
N THR A 170 10.11 -5.82 -11.39
CA THR A 170 9.22 -6.39 -10.40
C THR A 170 8.77 -5.26 -9.44
N GLU A 171 9.72 -4.43 -9.03
CA GLU A 171 9.41 -3.27 -8.18
C GLU A 171 8.38 -2.37 -8.86
N TRP A 172 8.52 -2.18 -10.17
CA TRP A 172 7.74 -1.20 -10.92
C TRP A 172 6.33 -1.74 -11.16
N THR A 173 6.23 -3.02 -11.49
CA THR A 173 4.94 -3.65 -11.80
C THR A 173 4.14 -3.80 -10.50
N ILE A 174 4.87 -4.10 -9.41
CA ILE A 174 4.28 -4.15 -8.06
C ILE A 174 3.73 -2.78 -7.69
N TYR A 175 4.55 -1.75 -7.86
CA TYR A 175 4.11 -0.37 -7.63
C TYR A 175 2.85 -0.01 -8.39
N GLN A 176 2.89 -0.25 -9.70
CA GLN A 176 1.76 0.00 -10.58
C GLN A 176 0.53 -0.83 -10.21
N ASP A 177 0.76 -2.09 -9.82
CA ASP A 177 -0.30 -2.97 -9.34
C ASP A 177 -1.01 -2.33 -8.13
N TRP A 178 -0.25 -2.03 -7.09
CA TRP A 178 -0.78 -1.37 -5.91
C TRP A 178 -1.45 -0.03 -6.21
N HIS A 179 -0.73 0.87 -6.90
CA HIS A 179 -1.21 2.22 -7.17
C HIS A 179 -2.66 2.15 -7.67
N ASP A 180 -2.86 1.25 -8.64
CA ASP A 180 -4.17 0.98 -9.26
C ASP A 180 -5.25 0.68 -8.27
N TRP A 181 -4.87 -0.01 -7.19
CA TRP A 181 -5.76 -0.52 -6.14
C TRP A 181 -5.91 0.42 -4.93
N MET A 182 -4.82 1.08 -4.56
CA MET A 182 -4.82 2.07 -3.47
C MET A 182 -5.81 3.15 -3.82
N ASN A 183 -5.75 3.60 -5.07
CA ASN A 183 -6.69 4.61 -5.53
C ASN A 183 -8.10 4.04 -5.59
N ASN A 184 -8.23 2.80 -6.05
CA ASN A 184 -9.59 2.27 -6.30
C ASN A 184 -10.34 2.03 -5.03
N GLN A 185 -9.63 1.48 -4.06
CA GLN A 185 -10.19 1.24 -2.75
C GLN A 185 -10.33 2.48 -1.90
N PHE A 186 -9.36 3.40 -1.94
CA PHE A 186 -9.36 4.61 -1.06
C PHE A 186 -9.59 5.91 -1.74
N GLY A 187 -9.24 6.00 -3.01
CA GLY A 187 -8.91 7.31 -3.61
C GLY A 187 -9.93 7.79 -4.60
N GLN A 188 -11.07 7.09 -4.62
CA GLN A 188 -12.18 7.42 -5.50
C GLN A 188 -12.64 8.89 -5.45
N SER A 189 -12.91 9.39 -4.25
CA SER A 189 -13.36 10.75 -4.04
C SER A 189 -12.33 11.84 -4.37
N LEU A 190 -11.10 11.45 -4.69
CA LEU A 190 -10.00 12.38 -4.96
C LEU A 190 -9.83 12.66 -6.44
N GLU A 191 -10.67 12.08 -7.28
CA GLU A 191 -10.56 12.28 -8.72
C GLU A 191 -10.73 13.75 -9.15
N LEU A 192 -9.91 14.16 -10.11
CA LEU A 192 -9.68 15.58 -10.41
C LEU A 192 -10.69 16.24 -11.36
N ASP A 193 -11.05 17.46 -11.01
CA ASP A 193 -11.91 18.30 -11.86
C ASP A 193 -11.10 19.07 -12.91
N GLY A 194 -9.85 19.34 -12.59
CA GLY A 194 -8.96 20.01 -13.53
C GLY A 194 -7.52 19.95 -13.06
N ILE A 195 -6.61 20.32 -13.94
CA ILE A 195 -5.20 20.39 -13.65
C ILE A 195 -4.67 21.74 -14.11
N ILE A 196 -3.76 22.29 -13.31
CA ILE A 196 -3.04 23.51 -13.65
C ILE A 196 -1.58 23.16 -13.75
N TYR A 197 -1.04 23.33 -14.94
CA TYR A 197 0.35 23.05 -15.18
C TYR A 197 1.19 24.35 -15.16
N LEU A 198 2.01 24.51 -14.15
CA LEU A 198 2.90 25.65 -14.05
C LEU A 198 4.09 25.24 -14.85
N GLN A 199 4.08 25.70 -16.10
CA GLN A 199 5.00 25.25 -17.14
C GLN A 199 6.17 26.24 -17.19
N ALA A 200 7.37 25.71 -16.92
CA ALA A 200 8.63 26.47 -17.01
C ALA A 200 9.74 25.62 -17.65
N THR A 201 10.59 26.28 -18.43
CA THR A 201 11.84 25.67 -18.91
C THR A 201 12.62 24.95 -17.79
N PRO A 202 13.37 23.88 -18.11
CA PRO A 202 14.27 23.38 -17.06
C PRO A 202 15.34 24.36 -16.56
N GLU A 203 15.74 25.32 -17.40
CA GLU A 203 16.73 26.31 -17.04
C GLU A 203 16.19 27.23 -15.95
N THR A 204 14.94 27.64 -16.14
CA THR A 204 14.17 28.41 -15.14
C THR A 204 14.18 27.77 -13.79
N CYS A 205 13.86 26.48 -13.74
CA CYS A 205 13.76 25.78 -12.46
C CYS A 205 15.10 25.68 -11.77
N LEU A 206 16.14 25.41 -12.55
CA LEU A 206 17.47 25.28 -11.97
C LEU A 206 17.84 26.62 -11.37
N HIS A 207 17.56 27.70 -12.10
CA HIS A 207 17.79 29.04 -11.57
C HIS A 207 16.99 29.22 -10.29
N ARG A 208 15.75 28.74 -10.29
CA ARG A 208 14.88 28.87 -9.11
C ARG A 208 15.34 28.10 -7.88
N ILE A 209 15.91 26.91 -8.08
CA ILE A 209 16.62 26.19 -7.00
C ILE A 209 17.65 27.09 -6.28
N TYR A 210 18.43 27.85 -7.06
CA TYR A 210 19.38 28.82 -6.49
C TYR A 210 18.65 29.75 -5.53
N LEU A 211 17.62 30.42 -6.05
CA LEU A 211 16.90 31.47 -5.30
C LEU A 211 16.33 30.95 -4.01
N ARG A 212 15.96 29.68 -4.00
CA ARG A 212 15.39 29.03 -2.83
C ARG A 212 16.47 28.73 -1.80
N GLY A 213 17.72 28.59 -2.26
CA GLY A 213 18.89 28.55 -1.37
C GLY A 213 19.04 27.33 -0.44
N ARG A 214 18.46 26.19 -0.80
CA ARG A 214 18.70 24.99 -0.01
C ARG A 214 20.04 24.38 -0.45
N ASN A 215 21.04 24.39 0.43
CA ASN A 215 22.37 23.82 0.13
C ASN A 215 22.21 22.43 -0.47
N GLU A 216 21.50 21.58 0.26
CA GLU A 216 21.05 20.25 -0.19
C GLU A 216 20.65 20.19 -1.68
N GLU A 217 19.90 21.18 -2.15
CA GLU A 217 19.36 21.17 -3.51
C GLU A 217 20.33 21.64 -4.59
N GLN A 218 21.49 22.19 -4.24
CA GLN A 218 22.38 22.74 -5.27
C GLN A 218 22.99 21.64 -6.16
N GLY A 219 22.95 20.39 -5.68
CA GLY A 219 23.42 19.25 -6.46
C GLY A 219 22.50 18.72 -7.55
N ILE A 220 21.27 19.22 -7.61
CA ILE A 220 20.32 18.73 -8.61
C ILE A 220 20.77 19.09 -10.03
N PRO A 221 21.02 18.09 -10.89
CA PRO A 221 21.51 18.37 -12.23
C PRO A 221 20.42 18.72 -13.25
N LEU A 222 20.77 19.58 -14.19
CA LEU A 222 19.87 19.93 -15.27
C LEU A 222 19.33 18.72 -16.06
N GLU A 223 20.14 17.67 -16.22
CA GLU A 223 19.70 16.47 -16.97
C GLU A 223 18.53 15.77 -16.26
N TYR A 224 18.56 15.77 -14.94
CA TYR A 224 17.41 15.28 -14.15
C TYR A 224 16.18 16.16 -14.41
N LEU A 225 16.31 17.47 -14.27
CA LEU A 225 15.18 18.40 -14.55
C LEU A 225 14.70 18.21 -15.98
N GLU A 226 15.63 17.97 -16.91
CA GLU A 226 15.21 17.80 -18.27
C GLU A 226 14.36 16.57 -18.46
N LYS A 227 14.73 15.44 -17.83
CA LYS A 227 13.86 14.27 -17.88
C LYS A 227 12.48 14.55 -17.24
N LEU A 228 12.44 15.23 -16.09
CA LEU A 228 11.12 15.53 -15.46
C LEU A 228 10.28 16.45 -16.34
N HIS A 229 10.94 17.35 -17.06
CA HIS A 229 10.24 18.31 -17.88
C HIS A 229 9.54 17.63 -19.03
N TYR A 230 10.27 16.74 -19.71
CA TYR A 230 9.71 16.07 -20.86
C TYR A 230 8.49 15.27 -20.45
N LYS A 231 8.58 14.61 -19.31
CA LYS A 231 7.45 13.84 -18.82
C LYS A 231 6.24 14.72 -18.49
N HIS A 232 6.49 15.91 -17.93
CA HIS A 232 5.42 16.91 -17.74
C HIS A 232 4.82 17.31 -19.10
N GLU A 233 5.66 17.58 -20.08
CA GLU A 233 5.17 17.96 -21.42
C GLU A 233 4.34 16.85 -22.10
N SER A 234 4.85 15.62 -22.11
CA SER A 234 4.13 14.50 -22.72
C SER A 234 2.78 14.35 -22.05
N TRP A 235 2.77 14.41 -20.72
CA TRP A 235 1.56 14.19 -19.97
C TRP A 235 0.54 15.28 -20.25
N LEU A 236 0.96 16.51 -20.03
CA LEU A 236 0.07 17.64 -19.81
C LEU A 236 0.00 18.64 -20.96
N LEU A 237 0.82 18.46 -22.00
CA LEU A 237 0.76 19.38 -23.14
C LEU A 237 0.31 18.70 -24.42
N HIS A 238 1.07 17.71 -24.86
CA HIS A 238 0.74 16.94 -26.05
C HIS A 238 -0.31 15.94 -25.66
N ARG A 239 -0.37 15.63 -24.37
CA ARG A 239 -1.34 14.70 -23.84
C ARG A 239 -1.16 13.41 -24.61
N THR A 240 0.07 12.92 -24.52
CA THR A 240 0.53 11.68 -25.14
C THR A 240 0.43 10.49 -24.17
N LEU A 241 0.79 10.74 -22.91
CA LEU A 241 0.83 9.71 -21.90
C LEU A 241 -0.53 9.03 -21.83
N LYS A 242 -0.56 7.71 -21.97
CA LYS A 242 -1.79 6.94 -21.92
C LYS A 242 -1.95 6.38 -20.51
N THR A 243 -2.55 7.16 -19.62
CA THR A 243 -2.74 6.71 -18.24
C THR A 243 -3.82 5.64 -18.21
N ASN A 244 -3.72 4.74 -17.25
CA ASN A 244 -4.69 3.68 -17.10
C ASN A 244 -6.06 4.20 -16.64
N PHE A 245 -6.08 5.40 -16.05
CA PHE A 245 -7.28 5.95 -15.44
C PHE A 245 -8.03 6.71 -16.50
N ASP A 246 -9.19 6.16 -16.87
CA ASP A 246 -9.91 6.55 -18.07
C ASP A 246 -10.38 8.01 -18.06
N TYR A 247 -10.88 8.48 -16.91
CA TYR A 247 -11.46 9.83 -16.80
C TYR A 247 -10.44 10.96 -17.05
N LEU A 248 -9.15 10.67 -16.84
CA LEU A 248 -8.07 11.65 -17.09
C LEU A 248 -7.95 12.16 -18.53
N GLN A 249 -8.24 11.32 -19.51
CA GLN A 249 -8.20 11.76 -20.92
C GLN A 249 -9.07 13.02 -21.14
N GLU A 250 -10.20 13.09 -20.44
CA GLU A 250 -11.14 14.21 -20.56
C GLU A 250 -11.06 15.24 -19.41
N VAL A 251 -10.02 15.19 -18.56
CA VAL A 251 -9.87 16.21 -17.52
C VAL A 251 -9.31 17.53 -18.15
N PRO A 252 -9.99 18.66 -17.89
CA PRO A 252 -9.54 19.99 -18.32
C PRO A 252 -8.11 20.35 -17.84
N ILE A 253 -7.24 20.83 -18.73
CA ILE A 253 -5.90 21.25 -18.32
C ILE A 253 -5.68 22.73 -18.66
N LEU A 254 -5.29 23.52 -17.65
CA LEU A 254 -4.84 24.91 -17.80
C LEU A 254 -3.32 24.99 -17.68
N THR A 255 -2.66 25.45 -18.75
CA THR A 255 -1.19 25.49 -18.80
C THR A 255 -0.69 26.94 -18.70
N LEU A 256 0.06 27.23 -17.62
CA LEU A 256 0.52 28.58 -17.30
C LEU A 256 2.03 28.74 -17.43
N ASP A 257 2.44 29.50 -18.43
CA ASP A 257 3.84 29.85 -18.55
C ASP A 257 4.26 30.59 -17.31
N VAL A 258 5.02 29.94 -16.44
CA VAL A 258 5.47 30.64 -15.24
C VAL A 258 6.93 31.06 -15.34
N ASN A 259 7.46 31.10 -16.56
CA ASN A 259 8.86 31.49 -16.75
C ASN A 259 9.19 32.90 -16.24
N GLU A 260 8.27 33.86 -16.36
CA GLU A 260 8.49 35.14 -15.70
C GLU A 260 8.21 35.02 -14.21
N ASP A 261 8.96 35.78 -13.41
CA ASP A 261 8.67 35.94 -11.99
C ASP A 261 7.24 36.47 -11.76
N PHE A 262 6.54 35.89 -10.77
CA PHE A 262 5.13 36.24 -10.51
C PHE A 262 4.78 36.62 -9.07
N LYS A 263 5.70 36.43 -8.11
CA LYS A 263 5.47 36.76 -6.70
C LYS A 263 4.68 38.02 -6.38
N ASP A 264 5.03 39.12 -7.04
CA ASP A 264 4.39 40.40 -6.81
C ASP A 264 3.67 40.89 -8.06
N LYS A 265 3.53 40.01 -9.05
CA LYS A 265 2.83 40.32 -10.26
C LYS A 265 2.11 39.07 -10.73
N TYR A 266 1.05 38.70 -10.02
CA TYR A 266 0.32 37.47 -10.28
C TYR A 266 -1.15 37.65 -10.70
N GLU A 267 -1.63 38.89 -10.85
CA GLU A 267 -3.02 39.07 -11.19
C GLU A 267 -3.48 38.30 -12.43
N SER A 268 -2.68 38.34 -13.50
CA SER A 268 -3.09 37.75 -14.77
CA SER A 268 -2.96 37.74 -14.81
C SER A 268 -3.13 36.22 -14.76
N LEU A 269 -2.21 35.57 -14.04
CA LEU A 269 -2.30 34.15 -13.86
C LEU A 269 -3.62 33.81 -13.14
N VAL A 270 -3.92 34.53 -12.06
CA VAL A 270 -5.11 34.24 -11.26
C VAL A 270 -6.37 34.42 -12.14
N GLU A 271 -6.36 35.42 -13.04
CA GLU A 271 -7.45 35.64 -13.98
C GLU A 271 -7.69 34.39 -14.84
N LYS A 272 -6.64 33.75 -15.32
CA LYS A 272 -6.87 32.52 -16.07
C LYS A 272 -7.43 31.39 -15.19
N VAL A 273 -6.94 31.27 -13.95
CA VAL A 273 -7.43 30.28 -13.01
C VAL A 273 -8.94 30.50 -12.82
N LYS A 274 -9.31 31.74 -12.62
CA LYS A 274 -10.72 32.07 -12.45
C LYS A 274 -11.57 31.68 -13.68
N GLU A 275 -11.07 31.97 -14.86
CA GLU A 275 -11.79 31.56 -16.07
C GLU A 275 -11.89 30.04 -16.19
N PHE A 276 -10.75 29.40 -16.00
CA PHE A 276 -10.70 27.95 -15.99
C PHE A 276 -11.74 27.44 -15.00
N LEU A 277 -11.66 27.88 -13.74
CA LEU A 277 -12.60 27.42 -12.67
C LEU A 277 -14.07 27.67 -12.98
N SER A 278 -14.38 28.78 -13.66
CA SER A 278 -15.75 29.02 -14.10
C SER A 278 -16.23 27.98 -15.14
N THR A 279 -15.32 27.33 -15.89
CA THR A 279 -15.70 26.30 -16.90
C THR A 279 -15.90 24.86 -16.37
N LEU A 280 -15.78 24.64 -15.07
CA LEU A 280 -15.82 23.30 -14.50
C LEU A 280 -17.10 23.12 -13.70
N ARG B 40 -22.83 -11.04 7.17
CA ARG B 40 -23.50 -12.35 7.48
C ARG B 40 -22.75 -13.58 6.97
N ILE B 41 -21.78 -13.40 6.07
CA ILE B 41 -20.79 -14.45 5.81
C ILE B 41 -19.89 -14.49 7.03
N LYS B 42 -19.61 -15.69 7.53
CA LYS B 42 -18.73 -15.83 8.66
C LYS B 42 -17.30 -15.96 8.14
N LYS B 43 -16.42 -15.12 8.68
CA LYS B 43 -14.99 -15.13 8.31
C LYS B 43 -14.20 -15.76 9.43
N ILE B 44 -13.43 -16.80 9.12
CA ILE B 44 -12.65 -17.51 10.10
C ILE B 44 -11.26 -17.72 9.52
N SER B 45 -10.19 -17.40 10.27
CA SER B 45 -8.86 -17.59 9.76
CA SER B 45 -8.85 -17.61 9.73
C SER B 45 -8.25 -18.88 10.30
N ILE B 46 -7.59 -19.63 9.42
CA ILE B 46 -6.84 -20.82 9.76
C ILE B 46 -5.39 -20.39 9.96
N GLU B 47 -4.93 -20.42 11.20
CA GLU B 47 -3.56 -20.03 11.56
C GLU B 47 -2.74 -21.26 11.92
N GLY B 48 -1.42 -21.09 11.85
CA GLY B 48 -0.47 -22.13 12.18
C GLY B 48 0.84 -21.92 11.47
N ASN B 49 1.82 -22.70 11.91
CA ASN B 49 3.17 -22.58 11.37
C ASN B 49 3.24 -23.19 9.98
N ILE B 50 4.34 -22.90 9.28
CA ILE B 50 4.66 -23.58 8.04
C ILE B 50 4.61 -25.12 8.17
N ALA B 51 3.85 -25.77 7.31
CA ALA B 51 3.74 -27.25 7.29
C ALA B 51 2.98 -27.78 8.49
N ALA B 52 2.28 -26.91 9.19
CA ALA B 52 1.33 -27.32 10.21
C ALA B 52 0.20 -28.22 9.64
N GLY B 53 -0.25 -27.96 8.42
CA GLY B 53 -1.36 -28.68 7.81
C GLY B 53 -2.56 -27.86 7.42
N LYS B 54 -2.37 -26.53 7.28
CA LYS B 54 -3.48 -25.63 6.96
C LYS B 54 -4.04 -25.96 5.57
N SER B 55 -3.21 -26.12 4.54
CA SER B 55 -3.77 -26.45 3.20
C SER B 55 -4.54 -27.78 3.20
N THR B 56 -3.95 -28.77 3.84
CA THR B 56 -4.54 -30.12 4.05
C THR B 56 -5.88 -30.01 4.80
N PHE B 57 -5.90 -29.19 5.84
CA PHE B 57 -7.11 -28.97 6.63
C PHE B 57 -8.22 -28.29 5.85
N VAL B 58 -7.88 -27.20 5.16
CA VAL B 58 -8.91 -26.48 4.44
C VAL B 58 -9.36 -27.28 3.24
N ASN B 59 -8.47 -28.09 2.68
CA ASN B 59 -8.85 -28.94 1.55
C ASN B 59 -9.80 -30.07 1.99
N ILE B 60 -9.69 -30.49 3.24
CA ILE B 60 -10.68 -31.39 3.82
C ILE B 60 -12.00 -30.62 4.05
N LEU B 61 -11.96 -29.53 4.81
CA LEU B 61 -13.14 -28.72 5.11
C LEU B 61 -14.00 -28.29 3.90
N LYS B 62 -13.38 -27.81 2.83
CA LYS B 62 -14.17 -27.29 1.70
C LYS B 62 -15.14 -28.31 1.08
N GLN B 63 -14.78 -29.60 1.10
CA GLN B 63 -15.58 -30.66 0.47
C GLN B 63 -16.74 -31.17 1.33
N LEU B 64 -16.79 -30.76 2.59
CA LEU B 64 -17.79 -31.29 3.53
C LEU B 64 -19.14 -30.56 3.50
N SER B 65 -19.15 -29.32 3.02
CA SER B 65 -20.39 -28.52 3.00
C SER B 65 -20.37 -27.57 1.81
N GLU B 66 -21.56 -27.31 1.24
CA GLU B 66 -21.70 -26.28 0.20
C GLU B 66 -21.68 -24.88 0.79
N ASP B 67 -21.99 -24.75 2.08
CA ASP B 67 -22.04 -23.43 2.69
C ASP B 67 -20.61 -22.95 3.07
N TRP B 68 -19.57 -23.76 2.81
CA TRP B 68 -18.21 -23.46 3.28
C TRP B 68 -17.28 -23.25 2.11
N GLU B 69 -16.64 -22.08 2.06
CA GLU B 69 -15.65 -21.78 1.05
C GLU B 69 -14.30 -21.47 1.71
N VAL B 70 -13.27 -21.39 0.87
CA VAL B 70 -11.86 -21.34 1.29
C VAL B 70 -11.05 -20.31 0.46
N VAL B 71 -10.04 -19.69 1.07
CA VAL B 71 -9.18 -18.74 0.36
C VAL B 71 -7.71 -19.09 0.66
N PRO B 72 -7.04 -19.76 -0.30
CA PRO B 72 -5.63 -20.10 -0.16
C PRO B 72 -4.80 -18.82 -0.05
N GLU B 73 -3.76 -18.82 0.76
CA GLU B 73 -3.07 -17.56 0.91
C GLU B 73 -2.21 -17.37 -0.35
N PRO B 74 -2.05 -16.12 -0.79
CA PRO B 74 -1.39 -15.90 -2.08
C PRO B 74 0.07 -16.33 -2.06
N VAL B 75 0.77 -16.15 -0.94
CA VAL B 75 2.16 -16.64 -0.83
C VAL B 75 2.25 -18.13 -1.21
N ALA B 76 1.24 -18.94 -0.82
CA ALA B 76 1.21 -20.35 -1.24
C ALA B 76 1.08 -20.49 -2.76
N ARG B 77 0.23 -19.68 -3.38
CA ARG B 77 0.14 -19.67 -4.84
C ARG B 77 1.43 -19.19 -5.52
N TRP B 78 2.12 -18.22 -4.93
CA TRP B 78 3.40 -17.76 -5.48
C TRP B 78 4.43 -18.88 -5.48
N SER B 79 4.34 -19.77 -4.49
CA SER B 79 5.32 -20.83 -4.30
C SER B 79 5.10 -22.00 -5.27
N ASN B 80 5.81 -21.93 -6.41
CA ASN B 80 5.98 -23.03 -7.40
C ASN B 80 6.43 -22.49 -8.76
N LEU B 91 -0.33 -17.43 -16.27
CA LEU B 91 0.21 -16.67 -15.12
C LEU B 91 -0.30 -15.23 -15.13
N THR B 92 -0.71 -14.75 -13.97
CA THR B 92 -1.23 -13.38 -13.83
C THR B 92 -0.07 -12.41 -13.65
N MET B 93 -0.42 -11.12 -13.63
CA MET B 93 0.49 -10.06 -13.24
C MET B 93 1.02 -10.35 -11.84
N GLU B 94 0.12 -10.62 -10.89
CA GLU B 94 0.52 -10.89 -9.49
C GLU B 94 1.39 -12.13 -9.30
N GLN B 95 1.06 -13.19 -10.02
CA GLN B 95 1.78 -14.46 -9.87
C GLN B 95 3.24 -14.35 -10.32
N LYS B 96 3.46 -13.50 -11.32
CA LYS B 96 4.79 -13.26 -11.86
C LYS B 96 5.63 -12.46 -10.87
N ASN B 97 5.05 -11.39 -10.33
CA ASN B 97 5.68 -10.54 -9.33
C ASN B 97 5.88 -11.32 -8.03
N GLY B 98 4.83 -12.06 -7.69
CA GLY B 98 4.80 -13.03 -6.60
C GLY B 98 5.95 -14.02 -6.66
N GLY B 99 6.15 -14.66 -7.80
CA GLY B 99 7.30 -15.56 -7.95
C GLY B 99 8.63 -14.84 -7.76
N ASN B 100 8.76 -13.68 -8.40
CA ASN B 100 10.05 -13.01 -8.40
C ASN B 100 10.47 -12.52 -7.05
N VAL B 101 9.54 -11.90 -6.35
CA VAL B 101 9.80 -11.38 -5.05
C VAL B 101 9.99 -12.51 -4.04
N LEU B 102 9.29 -13.63 -4.22
CA LEU B 102 9.54 -14.83 -3.39
C LEU B 102 11.02 -15.22 -3.45
N GLN B 103 11.52 -15.33 -4.66
CA GLN B 103 12.88 -15.73 -4.90
C GLN B 103 13.88 -14.68 -4.38
N MET B 104 13.57 -13.39 -4.59
CA MET B 104 14.44 -12.26 -4.20
C MET B 104 14.58 -12.27 -2.68
N MET B 105 13.43 -12.38 -2.01
CA MET B 105 13.35 -12.54 -0.55
C MET B 105 14.17 -13.67 0.03
N TYR B 106 14.10 -14.83 -0.62
CA TYR B 106 14.91 -15.97 -0.24
C TYR B 106 16.38 -15.61 -0.47
N GLU B 107 16.71 -15.11 -1.67
CA GLU B 107 18.08 -14.73 -2.01
C GLU B 107 18.64 -13.55 -1.22
N LYS B 108 17.79 -12.62 -0.75
CA LYS B 108 18.29 -11.54 0.13
C LYS B 108 17.20 -10.86 0.98
N PRO B 109 16.84 -11.49 2.10
CA PRO B 109 15.72 -11.00 2.92
C PRO B 109 15.86 -9.58 3.48
N GLU B 110 17.09 -9.14 3.69
CA GLU B 110 17.34 -7.82 4.26
C GLU B 110 17.07 -6.70 3.24
N ARG B 111 17.21 -7.03 1.97
CA ARG B 111 16.80 -6.18 0.88
C ARG B 111 15.29 -6.20 0.58
N TRP B 112 14.66 -7.38 0.63
CA TRP B 112 13.30 -7.56 0.08
C TRP B 112 12.14 -7.79 1.07
N SER B 113 12.40 -7.87 2.37
CA SER B 113 11.37 -8.17 3.35
C SER B 113 10.22 -7.14 3.34
N PHE B 114 10.54 -5.85 3.31
CA PHE B 114 9.49 -4.83 3.10
C PHE B 114 8.64 -4.93 1.84
N THR B 115 9.30 -5.10 0.68
CA THR B 115 8.62 -5.21 -0.61
C THR B 115 7.68 -6.42 -0.57
N PHE B 116 8.24 -7.52 -0.15
CA PHE B 116 7.48 -8.75 -0.06
C PHE B 116 6.32 -8.68 0.94
N GLN B 117 6.54 -8.13 2.12
CA GLN B 117 5.47 -8.12 3.10
C GLN B 117 4.30 -7.26 2.60
N THR B 118 4.62 -6.11 2.03
CA THR B 118 3.58 -5.20 1.53
C THR B 118 2.76 -5.84 0.42
N TYR B 119 3.44 -6.43 -0.55
CA TYR B 119 2.76 -7.07 -1.66
C TYR B 119 1.94 -8.27 -1.21
N ALA B 120 2.54 -9.11 -0.36
CA ALA B 120 1.84 -10.30 0.21
C ALA B 120 0.54 -9.91 0.91
N CYS B 121 0.59 -8.90 1.77
CA CYS B 121 -0.62 -8.42 2.47
C CYS B 121 -1.70 -7.82 1.53
N LEU B 122 -1.25 -6.98 0.59
CA LEU B 122 -2.09 -6.41 -0.45
C LEU B 122 -2.82 -7.46 -1.23
N SER B 123 -2.10 -8.50 -1.66
CA SER B 123 -2.64 -9.58 -2.42
C SER B 123 -3.66 -10.39 -1.63
N ARG B 124 -3.38 -10.60 -0.35
CA ARG B 124 -4.29 -11.32 0.53
C ARG B 124 -5.59 -10.54 0.62
N ILE B 125 -5.52 -9.24 0.91
CA ILE B 125 -6.72 -8.39 1.01
C ILE B 125 -7.59 -8.47 -0.27
N ARG B 126 -6.94 -8.39 -1.42
CA ARG B 126 -7.61 -8.54 -2.70
C ARG B 126 -8.21 -9.94 -2.91
N ALA B 127 -7.44 -10.98 -2.58
CA ALA B 127 -7.95 -12.34 -2.68
C ALA B 127 -9.16 -12.59 -1.77
N GLN B 128 -9.12 -12.02 -0.56
CA GLN B 128 -10.22 -12.12 0.44
C GLN B 128 -11.47 -11.29 0.06
N LEU B 129 -11.29 -10.01 -0.25
CA LEU B 129 -12.41 -9.17 -0.68
C LEU B 129 -13.12 -9.77 -1.91
N ALA B 130 -12.35 -10.41 -2.80
CA ALA B 130 -12.94 -11.05 -3.98
C ALA B 130 -13.90 -12.15 -3.54
N SER B 131 -13.46 -12.94 -2.55
CA SER B 131 -14.30 -14.01 -2.01
CA SER B 131 -14.28 -14.00 -1.96
C SER B 131 -15.52 -13.49 -1.23
N LEU B 132 -15.37 -12.42 -0.43
CA LEU B 132 -16.54 -11.89 0.29
C LEU B 132 -17.63 -11.48 -0.69
N ASN B 133 -17.26 -10.73 -1.72
CA ASN B 133 -18.25 -10.14 -2.63
C ASN B 133 -18.71 -11.09 -3.74
N GLY B 134 -17.91 -12.10 -4.04
CA GLY B 134 -18.21 -13.03 -5.13
C GLY B 134 -18.89 -14.33 -4.73
N LYS B 135 -18.75 -14.74 -3.46
CA LYS B 135 -19.17 -16.11 -3.04
C LYS B 135 -20.28 -16.15 -1.99
N LEU B 136 -20.87 -17.34 -1.85
CA LEU B 136 -21.77 -17.70 -0.74
C LEU B 136 -23.02 -16.83 -0.55
N LYS B 137 -23.48 -16.18 -1.62
CA LYS B 137 -24.73 -15.44 -1.57
C LYS B 137 -25.93 -16.37 -1.42
N ASP B 138 -25.91 -17.53 -2.07
CA ASP B 138 -27.02 -18.47 -2.02
C ASP B 138 -26.88 -19.52 -0.92
N ALA B 139 -26.16 -19.20 0.16
CA ALA B 139 -25.96 -20.11 1.29
C ALA B 139 -26.77 -19.63 2.48
N GLU B 140 -27.33 -20.56 3.24
CA GLU B 140 -28.09 -20.21 4.44
C GLU B 140 -27.20 -20.03 5.67
N LYS B 141 -26.07 -20.75 5.73
CA LYS B 141 -25.11 -20.62 6.84
C LYS B 141 -23.67 -20.49 6.30
N PRO B 142 -23.41 -19.36 5.63
CA PRO B 142 -22.17 -19.23 4.84
C PRO B 142 -20.93 -19.11 5.72
N VAL B 143 -19.88 -19.86 5.40
CA VAL B 143 -18.60 -19.71 6.11
C VAL B 143 -17.43 -19.61 5.15
N LEU B 144 -16.56 -18.63 5.43
CA LEU B 144 -15.43 -18.37 4.59
C LEU B 144 -14.19 -18.62 5.44
N PHE B 145 -13.42 -19.61 5.03
CA PHE B 145 -12.20 -20.03 5.72
C PHE B 145 -10.95 -19.47 5.02
N PHE B 146 -10.36 -18.48 5.66
CA PHE B 146 -9.12 -17.82 5.19
C PHE B 146 -7.91 -18.66 5.54
N GLU B 147 -7.02 -18.96 4.57
CA GLU B 147 -5.68 -19.44 4.94
C GLU B 147 -4.83 -18.28 5.47
N ARG B 148 -4.62 -18.24 6.78
CA ARG B 148 -3.98 -17.10 7.48
C ARG B 148 -4.73 -15.78 7.27
N SER B 149 -4.13 -14.67 7.68
CA SER B 149 -4.83 -13.41 7.81
C SER B 149 -3.86 -12.23 7.75
N VAL B 150 -4.41 -11.02 7.64
CA VAL B 150 -3.60 -9.79 7.61
C VAL B 150 -2.88 -9.63 8.96
N TYR B 151 -3.43 -10.25 10.00
CA TYR B 151 -2.84 -10.27 11.34
C TYR B 151 -1.60 -11.14 11.41
N SER B 152 -1.66 -12.31 10.75
CA SER B 152 -0.51 -13.21 10.54
C SER B 152 0.58 -12.46 9.80
N ASP B 153 0.17 -11.84 8.68
CA ASP B 153 1.06 -11.03 7.83
C ASP B 153 1.92 -10.09 8.68
N ARG B 154 1.27 -9.27 9.50
CA ARG B 154 1.94 -8.27 10.33
C ARG B 154 2.59 -8.79 11.61
N TYR B 155 1.75 -9.45 12.43
CA TYR B 155 2.13 -9.77 13.81
C TYR B 155 2.92 -11.07 13.95
N ILE B 156 2.94 -11.90 12.91
CA ILE B 156 3.85 -13.06 12.81
C ILE B 156 5.02 -12.78 11.85
N PHE B 157 4.76 -12.73 10.54
CA PHE B 157 5.83 -12.70 9.53
C PHE B 157 6.61 -11.38 9.47
N ALA B 158 5.91 -10.25 9.45
CA ALA B 158 6.58 -8.99 9.29
C ALA B 158 7.31 -8.72 10.58
N SER B 159 6.59 -8.90 11.69
CA SER B 159 7.15 -8.67 13.02
C SER B 159 8.44 -9.46 13.20
N ASN B 160 8.42 -10.75 12.84
CA ASN B 160 9.65 -11.61 12.85
C ASN B 160 10.80 -11.12 11.96
N LEU B 161 10.48 -10.57 10.78
CA LEU B 161 11.54 -10.12 9.91
C LEU B 161 12.23 -8.91 10.50
N TYR B 162 11.46 -8.03 11.10
CA TYR B 162 12.01 -6.87 11.78
C TYR B 162 12.92 -7.34 12.90
N GLU B 163 12.38 -8.19 13.76
CA GLU B 163 13.14 -8.70 14.90
C GLU B 163 14.38 -9.47 14.39
N SER B 164 14.34 -10.04 13.19
CA SER B 164 15.51 -10.70 12.59
CA SER B 164 15.55 -10.68 12.63
C SER B 164 16.45 -9.69 11.90
N GLU B 165 16.12 -8.39 11.99
CA GLU B 165 16.88 -7.31 11.37
C GLU B 165 16.79 -7.24 9.84
N SER B 166 15.87 -8.02 9.23
CA SER B 166 15.70 -8.03 7.77
C SER B 166 14.90 -6.80 7.27
N MET B 167 14.20 -6.17 8.20
CA MET B 167 13.63 -4.84 7.99
C MET B 167 14.27 -3.92 9.01
N ASN B 168 14.71 -2.74 8.56
CA ASN B 168 15.13 -1.71 9.50
C ASN B 168 13.94 -1.01 10.19
N GLU B 169 14.23 -0.24 11.22
CA GLU B 169 13.18 0.46 11.95
C GLU B 169 12.21 1.23 11.03
N THR B 170 12.73 1.98 10.07
CA THR B 170 11.89 2.80 9.18
C THR B 170 10.91 1.94 8.38
N GLU B 171 11.42 0.88 7.79
CA GLU B 171 10.62 -0.04 6.98
C GLU B 171 9.49 -0.65 7.79
N TRP B 172 9.81 -1.15 8.98
CA TRP B 172 8.83 -1.73 9.91
C TRP B 172 7.79 -0.69 10.31
N THR B 173 8.25 0.53 10.60
CA THR B 173 7.41 1.68 10.96
C THR B 173 6.47 2.12 9.81
N ILE B 174 7.00 2.13 8.60
CA ILE B 174 6.20 2.47 7.40
C ILE B 174 5.21 1.36 7.13
N TYR B 175 5.67 0.12 7.27
CA TYR B 175 4.80 -1.01 7.05
C TYR B 175 3.61 -1.04 8.00
N GLN B 176 3.83 -0.72 9.29
CA GLN B 176 2.76 -0.76 10.28
C GLN B 176 1.73 0.32 10.00
N ASP B 177 2.23 1.48 9.59
CA ASP B 177 1.36 2.58 9.19
C ASP B 177 0.50 2.22 7.98
N TRP B 178 1.17 1.73 6.94
CA TRP B 178 0.57 1.24 5.69
C TRP B 178 -0.45 0.12 6.00
N HIS B 179 -0.22 -0.65 7.08
CA HIS B 179 -1.13 -1.72 7.53
C HIS B 179 -2.27 -1.19 8.42
N ASP B 180 -1.94 -0.32 9.37
CA ASP B 180 -2.94 0.25 10.30
C ASP B 180 -4.03 0.96 9.50
N TRP B 181 -3.59 1.71 8.50
CA TRP B 181 -4.49 2.58 7.76
C TRP B 181 -5.31 1.79 6.70
N MET B 182 -4.58 1.05 5.85
CA MET B 182 -5.06 0.22 4.73
C MET B 182 -6.06 -0.87 5.12
N ASN B 183 -5.99 -1.35 6.36
CA ASN B 183 -7.01 -2.28 6.85
C ASN B 183 -8.21 -1.59 7.47
N ASN B 184 -7.99 -0.48 8.19
CA ASN B 184 -9.10 0.17 8.91
C ASN B 184 -10.06 0.97 8.01
N GLN B 185 -10.04 0.67 6.71
CA GLN B 185 -11.10 1.03 5.79
C GLN B 185 -11.34 -0.09 4.76
N PHE B 186 -10.42 -0.25 3.80
CA PHE B 186 -10.62 -1.18 2.67
C PHE B 186 -11.00 -2.54 3.21
N GLY B 187 -10.10 -3.07 4.03
CA GLY B 187 -10.32 -4.34 4.71
C GLY B 187 -10.84 -4.09 6.11
N GLN B 188 -11.72 -3.10 6.25
CA GLN B 188 -12.37 -2.83 7.51
C GLN B 188 -13.14 -4.11 7.83
N SER B 189 -14.11 -4.43 6.97
CA SER B 189 -15.03 -5.56 7.20
C SER B 189 -14.50 -6.90 6.69
N LEU B 190 -13.17 -7.03 6.72
CA LEU B 190 -12.52 -8.31 6.76
C LEU B 190 -12.42 -8.79 8.21
N GLU B 191 -13.03 -8.08 9.16
CA GLU B 191 -12.94 -8.48 10.57
C GLU B 191 -13.34 -9.94 10.63
N LEU B 192 -12.61 -10.74 11.40
CA LEU B 192 -12.86 -12.18 11.48
C LEU B 192 -13.90 -12.46 12.58
N ASP B 193 -14.80 -13.42 12.33
CA ASP B 193 -15.71 -13.90 13.36
C ASP B 193 -15.01 -14.86 14.34
N GLY B 194 -13.90 -15.43 13.90
CA GLY B 194 -13.13 -16.38 14.70
C GLY B 194 -11.82 -16.82 14.08
N ILE B 195 -11.00 -17.47 14.90
CA ILE B 195 -9.72 -18.02 14.47
C ILE B 195 -9.67 -19.48 14.87
N ILE B 196 -9.28 -20.33 13.93
CA ILE B 196 -8.88 -21.71 14.22
C ILE B 196 -7.36 -21.81 14.19
N TYR B 197 -6.79 -22.02 15.37
CA TYR B 197 -5.36 -22.24 15.54
C TYR B 197 -4.92 -23.71 15.42
N LEU B 198 -4.23 -24.01 14.33
CA LEU B 198 -3.69 -25.35 14.10
C LEU B 198 -2.29 -25.42 14.69
N GLN B 199 -2.20 -26.04 15.86
CA GLN B 199 -0.96 -26.06 16.62
C GLN B 199 -0.22 -27.35 16.34
N ALA B 200 1.04 -27.21 15.90
CA ALA B 200 1.97 -28.32 15.69
C ALA B 200 3.33 -27.88 16.19
N THR B 201 4.16 -28.81 16.64
CA THR B 201 5.46 -28.38 17.19
C THR B 201 6.40 -28.06 16.03
N PRO B 202 7.51 -27.36 16.31
CA PRO B 202 8.42 -27.11 15.20
C PRO B 202 8.94 -28.38 14.52
N GLU B 203 9.12 -29.45 15.30
CA GLU B 203 9.63 -30.69 14.74
C GLU B 203 8.63 -31.32 13.77
N THR B 204 7.37 -31.39 14.18
CA THR B 204 6.32 -31.88 13.29
C THR B 204 6.33 -31.13 11.97
N CYS B 205 6.25 -29.81 12.07
CA CYS B 205 6.32 -28.92 10.92
C CYS B 205 7.57 -29.22 10.08
N LEU B 206 8.73 -29.30 10.73
CA LEU B 206 9.97 -29.69 10.05
C LEU B 206 9.84 -31.01 9.27
N HIS B 207 9.20 -32.00 9.91
CA HIS B 207 8.99 -33.34 9.32
C HIS B 207 7.98 -33.27 8.20
N ARG B 208 6.94 -32.44 8.38
CA ARG B 208 5.99 -32.19 7.31
C ARG B 208 6.60 -31.40 6.18
N ILE B 209 7.61 -30.57 6.43
CA ILE B 209 8.41 -30.01 5.32
C ILE B 209 9.26 -31.17 4.74
N TYR B 210 9.92 -31.93 5.60
CA TYR B 210 10.68 -33.09 5.12
C TYR B 210 9.74 -34.03 4.33
N LEU B 211 8.53 -34.27 4.86
CA LEU B 211 7.55 -35.16 4.23
C LEU B 211 6.94 -34.56 2.97
N ARG B 212 6.70 -33.25 2.94
CA ARG B 212 6.09 -32.62 1.77
C ARG B 212 6.99 -32.82 0.58
N GLY B 213 8.30 -32.78 0.84
CA GLY B 213 9.31 -33.15 -0.13
C GLY B 213 9.70 -32.11 -1.18
N ARG B 214 9.13 -30.90 -1.10
CA ARG B 214 9.46 -29.84 -2.06
C ARG B 214 10.95 -29.54 -1.99
N ASN B 215 11.61 -29.47 -3.15
CA ASN B 215 13.07 -29.29 -3.15
C ASN B 215 13.45 -27.95 -2.49
N GLU B 216 12.73 -26.88 -2.83
CA GLU B 216 13.10 -25.51 -2.43
C GLU B 216 13.09 -25.25 -0.93
N GLU B 217 12.31 -26.03 -0.17
CA GLU B 217 12.14 -25.78 1.27
C GLU B 217 12.90 -26.77 2.15
N GLN B 218 13.63 -27.71 1.55
CA GLN B 218 14.32 -28.70 2.35
C GLN B 218 15.32 -28.03 3.29
N GLY B 219 15.85 -26.87 2.88
CA GLY B 219 16.79 -26.10 3.68
C GLY B 219 16.25 -25.21 4.79
N ILE B 220 14.94 -24.98 4.87
CA ILE B 220 14.37 -24.18 5.98
C ILE B 220 14.89 -24.78 7.27
N PRO B 221 15.48 -23.94 8.13
CA PRO B 221 16.10 -24.43 9.35
C PRO B 221 15.13 -24.45 10.51
N LEU B 222 15.27 -25.47 11.37
CA LEU B 222 14.44 -25.65 12.56
C LEU B 222 14.34 -24.39 13.42
N GLU B 223 15.46 -23.66 13.57
CA GLU B 223 15.50 -22.40 14.36
C GLU B 223 14.43 -21.37 13.97
N TYR B 224 14.27 -21.16 12.66
CA TYR B 224 13.22 -20.30 12.11
C TYR B 224 11.85 -20.81 12.47
N LEU B 225 11.65 -22.12 12.31
CA LEU B 225 10.33 -22.68 12.61
C LEU B 225 10.07 -22.41 14.06
N GLU B 226 11.10 -22.58 14.88
CA GLU B 226 10.97 -22.38 16.28
C GLU B 226 10.54 -20.96 16.52
N LYS B 227 11.16 -20.01 15.81
CA LYS B 227 10.83 -18.59 15.96
C LYS B 227 9.36 -18.29 15.66
N LEU B 228 8.84 -18.91 14.60
CA LEU B 228 7.46 -18.65 14.20
C LEU B 228 6.48 -19.27 15.20
N HIS B 229 6.81 -20.47 15.68
CA HIS B 229 6.00 -21.16 16.70
C HIS B 229 5.71 -20.25 17.90
N TYR B 230 6.77 -19.64 18.45
CA TYR B 230 6.66 -18.75 19.60
C TYR B 230 5.76 -17.53 19.39
N LYS B 231 5.76 -17.00 18.18
CA LYS B 231 4.94 -15.84 17.87
C LYS B 231 3.47 -16.25 17.83
N HIS B 232 3.18 -17.40 17.22
CA HIS B 232 1.82 -17.94 17.27
C HIS B 232 1.32 -18.25 18.67
N GLU B 233 2.18 -18.79 19.50
CA GLU B 233 1.73 -19.21 20.83
C GLU B 233 1.32 -17.96 21.60
N SER B 234 2.17 -16.93 21.55
CA SER B 234 1.94 -15.70 22.30
C SER B 234 0.70 -14.94 21.86
N TRP B 235 0.38 -14.96 20.57
CA TRP B 235 -0.81 -14.30 20.05
C TRP B 235 -2.04 -15.15 20.37
N LEU B 236 -1.96 -16.43 20.00
CA LEU B 236 -3.16 -17.26 19.94
C LEU B 236 -3.43 -18.10 21.18
N LEU B 237 -2.38 -18.68 21.77
CA LEU B 237 -2.51 -19.53 22.95
C LEU B 237 -2.39 -18.70 24.24
N HIS B 238 -1.27 -17.99 24.40
CA HIS B 238 -1.00 -17.24 25.64
C HIS B 238 -1.70 -15.88 25.67
N ARG B 239 -1.84 -15.25 24.49
CA ARG B 239 -2.55 -13.96 24.33
C ARG B 239 -1.86 -12.75 24.95
N THR B 240 -0.55 -12.81 25.07
CA THR B 240 0.23 -11.70 25.61
C THR B 240 0.48 -10.57 24.58
N LEU B 241 0.72 -10.98 23.34
CA LEU B 241 1.03 -10.06 22.26
C LEU B 241 -0.13 -9.05 22.02
N LYS B 242 0.16 -7.77 22.21
CA LYS B 242 -0.84 -6.71 21.97
C LYS B 242 -0.90 -6.36 20.48
N THR B 243 -2.04 -5.88 20.03
CA THR B 243 -2.18 -5.46 18.64
C THR B 243 -2.94 -4.15 18.61
N ASN B 244 -3.01 -3.57 17.42
CA ASN B 244 -3.70 -2.32 17.21
C ASN B 244 -5.11 -2.54 16.71
N PHE B 245 -5.72 -3.63 17.15
CA PHE B 245 -7.00 -4.06 16.61
C PHE B 245 -7.76 -4.62 17.77
N ASP B 246 -8.27 -3.74 18.63
CA ASP B 246 -8.78 -4.13 19.94
C ASP B 246 -9.71 -5.35 19.96
N TYR B 247 -10.52 -5.52 18.89
CA TYR B 247 -11.45 -6.65 18.78
C TYR B 247 -10.76 -8.03 18.83
N LEU B 248 -9.53 -8.08 18.34
CA LEU B 248 -8.71 -9.30 18.38
C LEU B 248 -8.34 -9.74 19.79
N GLN B 249 -8.31 -8.78 20.73
CA GLN B 249 -8.14 -9.14 22.15
C GLN B 249 -9.28 -10.04 22.61
N GLU B 250 -10.49 -9.87 22.05
CA GLU B 250 -11.65 -10.68 22.48
C GLU B 250 -12.19 -11.69 21.45
N VAL B 251 -11.60 -11.78 20.24
CA VAL B 251 -12.17 -12.67 19.22
C VAL B 251 -11.93 -14.15 19.61
N PRO B 252 -12.96 -15.00 19.43
CA PRO B 252 -12.85 -16.36 19.95
C PRO B 252 -11.92 -17.17 19.10
N ILE B 253 -11.06 -17.94 19.75
CA ILE B 253 -10.12 -18.83 19.11
C ILE B 253 -10.41 -20.26 19.49
N LEU B 254 -10.16 -21.14 18.53
CA LEU B 254 -10.22 -22.57 18.74
C LEU B 254 -8.86 -23.12 18.44
N THR B 255 -8.24 -23.71 19.47
CA THR B 255 -7.03 -24.49 19.26
C THR B 255 -7.29 -25.95 19.00
N LEU B 256 -6.65 -26.43 17.94
CA LEU B 256 -6.69 -27.83 17.57
C LEU B 256 -5.24 -28.23 17.61
N ASP B 257 -5.00 -29.46 18.07
CA ASP B 257 -3.66 -30.02 18.19
C ASP B 257 -3.54 -30.96 17.03
N VAL B 258 -2.60 -30.68 16.13
CA VAL B 258 -2.55 -31.41 14.88
C VAL B 258 -1.21 -32.13 14.67
N ASN B 259 -0.48 -32.40 15.74
CA ASN B 259 0.72 -33.24 15.66
C ASN B 259 0.39 -34.58 15.02
N GLU B 260 -0.64 -35.24 15.53
CA GLU B 260 -1.07 -36.51 14.99
C GLU B 260 -1.66 -36.29 13.62
N ASP B 261 -1.20 -37.07 12.66
CA ASP B 261 -1.74 -37.09 11.30
C ASP B 261 -3.26 -37.25 11.29
N PHE B 262 -3.97 -36.31 10.65
CA PHE B 262 -5.42 -36.28 10.64
C PHE B 262 -5.99 -36.53 9.25
N LYS B 263 -5.15 -36.96 8.32
CA LYS B 263 -5.59 -37.12 6.93
C LYS B 263 -6.66 -38.17 6.72
N ASP B 264 -6.56 -39.25 7.48
CA ASP B 264 -7.48 -40.33 7.30
C ASP B 264 -8.45 -40.35 8.46
N LYS B 265 -8.32 -39.38 9.35
CA LYS B 265 -8.92 -39.40 10.65
C LYS B 265 -9.13 -38.02 11.25
N TYR B 266 -10.07 -37.25 10.66
CA TYR B 266 -10.24 -35.85 11.04
C TYR B 266 -11.59 -35.53 11.70
N GLU B 267 -12.44 -36.54 11.96
CA GLU B 267 -13.81 -36.24 12.38
C GLU B 267 -13.86 -35.53 13.72
N SER B 268 -12.98 -35.90 14.64
CA SER B 268 -12.94 -35.23 15.93
CA SER B 268 -12.95 -35.24 15.93
C SER B 268 -12.62 -33.75 15.71
N LEU B 269 -11.67 -33.49 14.81
CA LEU B 269 -11.30 -32.09 14.47
C LEU B 269 -12.48 -31.32 13.83
N VAL B 270 -13.15 -31.94 12.86
CA VAL B 270 -14.29 -31.31 12.20
C VAL B 270 -15.48 -31.16 13.15
N GLU B 271 -15.65 -32.14 14.03
CA GLU B 271 -16.63 -32.03 15.11
C GLU B 271 -16.33 -30.80 15.92
N LYS B 272 -15.07 -30.59 16.27
CA LYS B 272 -14.66 -29.39 17.03
C LYS B 272 -14.92 -28.05 16.29
N VAL B 273 -14.63 -28.01 14.98
CA VAL B 273 -14.95 -26.85 14.16
C VAL B 273 -16.47 -26.52 14.16
N LYS B 274 -17.30 -27.53 13.87
CA LYS B 274 -18.76 -27.38 13.82
C LYS B 274 -19.33 -26.82 15.12
N GLU B 275 -18.89 -27.40 16.22
CA GLU B 275 -19.20 -26.92 17.57
C GLU B 275 -18.77 -25.47 17.83
N PHE B 276 -17.60 -25.11 17.32
CA PHE B 276 -17.06 -23.75 17.44
C PHE B 276 -17.92 -22.78 16.65
N LEU B 277 -18.37 -23.19 15.46
CA LEU B 277 -19.16 -22.31 14.58
C LEU B 277 -20.52 -21.96 15.22
N SER B 278 -21.08 -22.91 15.97
CA SER B 278 -22.35 -22.72 16.67
C SER B 278 -22.28 -21.70 17.79
N THR B 279 -21.10 -21.47 18.35
CA THR B 279 -20.92 -20.49 19.41
C THR B 279 -20.72 -19.08 18.89
N LEU B 280 -20.43 -18.95 17.60
CA LEU B 280 -20.18 -17.63 17.01
C LEU B 280 -21.50 -16.91 16.81
FAF 2Y8 C . 15.83 8.69 -11.77
CAK 2Y8 C . 16.73 8.38 -10.87
CAL 2Y8 C . 16.89 9.61 -10.05
OAQ 2Y8 C . 17.71 9.15 -8.94
CAY 2Y8 C . 17.73 10.03 -7.92
CAJ 2Y8 C . 16.54 10.57 -7.42
CAX 2Y8 C . 18.98 10.34 -7.37
OAP 2Y8 C . 20.08 9.76 -7.93
CAA 2Y8 C . 21.37 9.87 -7.29
CAH 2Y8 C . 19.05 11.21 -6.31
CAG 2Y8 C . 17.87 11.75 -5.82
CAW 2Y8 C . 16.63 11.44 -6.35
CBA 2Y8 C . 15.53 11.98 -5.84
NAO 2Y8 C . 14.33 12.18 -6.43
SAS 2Y8 C . 15.52 12.50 -4.39
CAV 2Y8 C . 14.03 13.02 -4.38
CAB 2Y8 C . 13.35 13.68 -3.19
CBB 2Y8 C . 13.46 12.78 -5.58
CBC 2Y8 C . 11.99 13.15 -5.88
CAC 2Y8 C . 11.88 14.14 -7.06
SAR 2Y8 C . 10.98 11.69 -6.19
C2 2Y8 C . 9.35 12.23 -5.75
N3 2Y8 C . 9.14 13.50 -5.35
N1 2Y8 C . 8.32 11.35 -5.81
C6 2Y8 C . 7.06 11.76 -5.49
NAD 2Y8 C . 6.07 10.89 -5.55
C5 2Y8 C . 6.82 13.07 -5.09
C4 2Y8 C . 7.92 13.94 -5.02
NAE 2Y8 C . 7.79 15.20 -4.62
FAF 2Y7 D . 24.68 14.25 -5.89
CAK 2Y7 D . 24.25 14.71 -6.90
CAL 2Y7 D . 22.73 14.68 -6.73
OAQ 2Y7 D . 22.15 14.32 -8.00
CAY 2Y7 D . 20.78 14.20 -8.06
CAJ 2Y7 D . 19.87 14.82 -7.16
CAX 2Y7 D . 20.28 13.41 -9.10
OAP 2Y7 D . 21.23 12.83 -9.93
CAA 2Y7 D . 20.84 12.08 -11.11
CAH 2Y7 D . 18.90 13.25 -9.21
CAG 2Y7 D . 18.01 13.87 -8.33
CAW 2Y7 D . 18.49 14.63 -7.29
CBA 2Y7 D . 17.61 15.24 -6.47
NAO 2Y7 D . 17.87 15.76 -5.27
SAS 2Y7 D . 15.97 15.55 -6.84
CAV 2Y7 D . 15.66 16.29 -5.46
CAB 2Y7 D . 14.29 16.87 -5.04
CBB 2Y7 D . 16.77 16.35 -4.73
CBC 2Y7 D . 16.75 17.03 -3.36
CAC 2Y7 D . 18.10 17.71 -3.07
SAR 2Y7 D . 16.30 15.83 -2.11
C2 2Y7 D . 16.09 16.81 -0.75
N3 2Y7 D . 15.68 18.11 -0.82
N1 2Y7 D . 16.34 16.22 0.41
C6 2Y7 D . 16.19 16.89 1.56
NAD 2Y7 D . 16.44 16.26 2.68
C5 2Y7 D . 15.78 18.22 1.55
C4 2Y7 D . 15.52 18.82 0.33
NAE 2Y7 D . 15.13 20.07 0.30
N1 UDP E . 10.14 31.93 -7.23
C2 UDP E . 10.21 33.27 -7.70
N3 UDP E . 9.25 33.75 -8.46
C4 UDP E . 8.20 32.99 -8.80
C5 UDP E . 8.09 31.67 -8.36
C6 UDP E . 9.10 31.15 -7.58
O2 UDP E . 11.17 34.00 -7.39
O4 UDP E . 7.30 33.46 -9.53
C1' UDP E . 11.17 31.34 -6.39
C2' UDP E . 10.65 31.06 -4.99
O2' UDP E . 10.72 32.19 -4.13
C3' UDP E . 11.56 29.95 -4.53
C4' UDP E . 11.86 29.20 -5.80
O4' UDP E . 11.63 30.08 -6.91
O3' UDP E . 12.74 30.55 -3.94
C5' UDP E . 10.99 27.94 -5.97
O5' UDP E . 9.62 28.27 -5.67
PA UDP E . 8.55 27.21 -5.09
O1A UDP E . 7.16 27.77 -5.33
O2A UDP E . 8.90 26.79 -3.70
O3A UDP E . 8.75 25.94 -6.06
PB UDP E . 7.85 24.55 -6.06
O1B UDP E . 7.35 24.45 -7.47
O2B UDP E . 8.92 23.53 -5.74
O3B UDP E . 6.84 24.66 -4.96
FAF 2Y8 F . 15.81 -14.27 9.57
CAK 2Y8 F . 16.09 -14.35 8.38
CAL 2Y8 F . 14.92 -15.06 7.73
OAQ 2Y8 F . 15.46 -15.27 6.46
CAY 2Y8 F . 14.75 -15.82 5.45
CAJ 2Y8 F . 13.36 -15.80 5.28
CAX 2Y8 F . 15.60 -16.46 4.53
OAP 2Y8 F . 16.89 -16.38 4.85
CAA 2Y8 F . 17.95 -16.83 3.94
CAH 2Y8 F . 15.07 -17.10 3.41
CAG 2Y8 F . 13.70 -17.08 3.25
CAW 2Y8 F . 12.82 -16.43 4.15
CBA 2Y8 F . 11.51 -16.50 3.90
NAO 2Y8 F . 10.50 -16.36 4.79
SAS 2Y8 F . 10.92 -16.83 2.46
CAV 2Y8 F . 9.41 -16.80 2.85
CAB 2Y8 F . 8.23 -17.04 1.90
CBB 2Y8 F . 9.30 -16.53 4.14
CBC 2Y8 F . 7.88 -16.46 4.78
CAC 2Y8 F . 7.85 -17.38 6.00
SAR 2Y8 F . 7.41 -14.74 5.14
C2 2Y8 F . 5.69 -14.72 4.93
N3 2Y8 F . 4.99 -15.81 4.57
N1 2Y8 F . 5.09 -13.53 5.08
C6 2Y8 F . 3.77 -13.37 4.95
NAD 2Y8 F . 3.24 -12.14 5.13
C5 2Y8 F . 3.01 -14.46 4.59
C4 2Y8 F . 3.67 -15.69 4.40
NAE 2Y8 F . 2.99 -16.74 4.04
FAF 2Y7 G . 18.77 -21.13 2.77
CAK 2Y7 G . 18.13 -22.20 3.30
CAL 2Y7 G . 17.61 -21.84 4.69
OAQ 2Y7 G . 17.28 -20.43 4.70
CAY 2Y7 G . 16.10 -20.01 5.28
CAJ 2Y7 G . 14.90 -20.23 4.62
CAX 2Y7 G . 16.14 -19.31 6.49
OAP 2Y7 G . 17.38 -19.11 7.07
CAA 2Y7 G . 17.50 -18.47 8.36
CAH 2Y7 G . 14.93 -18.88 7.06
CAG 2Y7 G . 13.71 -19.11 6.41
CAW 2Y7 G . 13.71 -19.79 5.21
CBA 2Y7 G . 12.56 -20.02 4.58
NAO 2Y7 G . 12.49 -20.48 3.34
SAS 2Y7 G . 11.00 -19.84 5.23
CAV 2Y7 G . 10.27 -20.37 3.83
CAB 2Y7 G . 8.75 -20.49 3.61
CBB 2Y7 G . 11.23 -20.67 2.94
CBC 2Y7 G . 10.96 -21.17 1.53
CAC 2Y7 G . 12.09 -22.12 1.07
SAR 2Y7 G . 10.91 -19.81 0.40
C2 2Y7 G . 10.22 -20.63 -1.00
N3 2Y7 G . 9.40 -21.70 -0.85
N1 2Y7 G . 10.53 -20.18 -2.23
C6 2Y7 G . 10.05 -20.79 -3.33
NAD 2Y7 G . 10.37 -20.34 -4.53
C5 2Y7 G . 9.20 -21.88 -3.21
C4 2Y7 G . 8.89 -22.34 -1.94
NAE 2Y7 G . 8.09 -23.37 -1.83
N1 UDP H . 0.33 -33.65 6.15
C2 UDP H . 0.11 -34.98 6.61
N3 UDP H . -0.73 -35.22 7.61
C4 UDP H . -1.39 -34.22 8.22
C5 UDP H . -1.20 -32.91 7.81
C6 UDP H . -0.33 -32.65 6.76
O2 UDP H . 0.71 -35.93 6.07
O4 UDP H . -2.17 -34.49 9.15
C1' UDP H . 1.28 -33.42 5.05
C2' UDP H . 0.64 -32.74 3.84
O2' UDP H . 0.18 -33.70 2.87
C3' UDP H . 1.73 -31.82 3.33
C4' UDP H . 2.61 -31.59 4.56
O4' UDP H . 2.38 -32.62 5.50
O3' UDP H . 2.43 -32.36 2.20
C5' UDP H . 2.31 -30.26 5.26
O5' UDP H . 0.90 -30.00 5.26
PA UDP H . 0.33 -28.70 4.45
O1A UDP H . 1.02 -28.58 3.15
O2A UDP H . -1.19 -28.75 4.44
O3A UDP H . 0.84 -27.58 5.48
PB UDP H . 0.69 -25.95 5.41
O1B UDP H . -0.37 -25.52 4.44
O2B UDP H . 2.08 -25.42 5.07
O3B UDP H . 0.39 -25.62 6.86
#